data_4W66
#
_entry.id   4W66
#
_cell.length_a   130.400
_cell.length_b   130.400
_cell.length_c   70.147
_cell.angle_alpha   90.000
_cell.angle_beta   90.000
_cell.angle_gamma   90.000
#
_symmetry.space_group_name_H-M   'I 4'
#
loop_
_entity.id
_entity.type
_entity.pdbx_description
1 polymer 'Glutathione S-transferase domain protein'
2 non-polymer GLUTATHIONE
3 water water
#
_entity_poly.entity_id   1
_entity_poly.type   'polypeptide(L)'
_entity_poly.pdbx_seq_one_letter_code
;SNA(MSE)NEPIILRYFPVLGRAQALRHALADAELAFRDLRIPLEQWSQHKDSDAGGPYGSLPTLRWHGVEVAETIAIAS
FLARSLGHYEGRDNGEIARLEAVVSLCYTEVSLQIAQLLWLDLFNPGVDLAAAVPLQFGRLVARLTRLEAHTPEAGWFGG
ERPV(MSE)ADYFAAEAIEALRYLLGREHDDALRTRLPHLCALARR(MSE)AQRPALAQAWSTRPQTFTAHPDEAA
(MSE)LERLRALPLAATIGAS(MSE)E
;
_entity_poly.pdbx_strand_id   A,B
#
# COMPACT_ATOMS: atom_id res chain seq x y z
N ASN A 5 -15.05 24.90 -11.69
CA ASN A 5 -13.95 25.40 -10.85
C ASN A 5 -14.18 25.16 -9.35
N GLU A 6 -13.70 24.02 -8.87
CA GLU A 6 -13.95 23.62 -7.50
C GLU A 6 -12.76 23.87 -6.57
N PRO A 7 -13.02 24.18 -5.31
CA PRO A 7 -11.93 24.22 -4.34
C PRO A 7 -11.43 22.84 -3.89
N ILE A 8 -12.23 21.78 -4.07
CA ILE A 8 -11.78 20.39 -3.92
C ILE A 8 -11.59 19.76 -5.29
N ILE A 9 -10.41 19.19 -5.58
CA ILE A 9 -10.16 18.51 -6.86
C ILE A 9 -9.51 17.15 -6.62
N LEU A 10 -10.14 16.08 -7.08
CA LEU A 10 -9.52 14.75 -7.03
C LEU A 10 -9.09 14.37 -8.43
N ARG A 11 -7.82 14.01 -8.57
CA ARG A 11 -7.23 13.74 -9.87
C ARG A 11 -6.87 12.28 -9.96
N TYR A 12 -7.35 11.64 -11.02
CA TYR A 12 -7.00 10.26 -11.32
C TYR A 12 -7.32 9.97 -12.78
N PHE A 13 -6.99 8.77 -13.22
CA PHE A 13 -7.32 8.31 -14.56
C PHE A 13 -8.81 7.97 -14.63
N PRO A 14 -9.37 7.83 -15.85
CA PRO A 14 -10.79 7.54 -15.94
C PRO A 14 -11.09 6.06 -15.67
N VAL A 15 -10.63 5.54 -14.54
CA VAL A 15 -10.79 4.15 -14.19
C VAL A 15 -10.99 4.04 -12.70
N LEU A 16 -11.43 2.85 -12.26
CA LEU A 16 -11.77 2.64 -10.88
C LEU A 16 -10.54 2.54 -9.98
N GLY A 17 -9.54 1.79 -10.42
CA GLY A 17 -8.44 1.28 -9.57
C GLY A 17 -8.31 1.79 -8.15
N ARG A 18 -7.43 2.77 -7.98
CA ARG A 18 -7.03 3.26 -6.68
C ARG A 18 -7.85 4.42 -6.13
N ALA A 19 -8.83 4.92 -6.87
CA ALA A 19 -9.47 6.15 -6.43
C ALA A 19 -10.97 6.08 -6.24
N GLN A 20 -11.63 4.98 -6.61
CA GLN A 20 -13.09 5.00 -6.59
C GLN A 20 -13.61 5.25 -5.16
N ALA A 21 -12.98 4.63 -4.18
CA ALA A 21 -13.41 4.82 -2.81
C ALA A 21 -13.32 6.31 -2.41
N LEU A 22 -12.27 6.97 -2.90
CA LEU A 22 -12.07 8.37 -2.58
C LEU A 22 -13.14 9.25 -3.20
N ARG A 23 -13.57 8.89 -4.41
CA ARG A 23 -14.70 9.55 -5.08
C ARG A 23 -15.97 9.42 -4.26
N HIS A 24 -16.20 8.22 -3.76
CA HIS A 24 -17.36 7.96 -2.94
C HIS A 24 -17.37 8.75 -1.64
N ALA A 25 -16.24 8.82 -0.97
CA ALA A 25 -16.17 9.56 0.27
C ALA A 25 -16.52 11.02 0.06
N LEU A 26 -15.99 11.60 -1.02
CA LEU A 26 -16.27 13.01 -1.32
C LEU A 26 -17.71 13.25 -1.74
N ALA A 27 -18.23 12.41 -2.63
CA ALA A 27 -19.63 12.53 -3.01
C ALA A 27 -20.59 12.31 -1.85
N ASP A 28 -20.31 11.32 -0.99
CA ASP A 28 -21.22 10.98 0.11
C ASP A 28 -21.26 12.04 1.21
N ALA A 29 -20.24 12.87 1.29
CA ALA A 29 -20.23 14.01 2.20
C ALA A 29 -20.93 15.23 1.57
N GLU A 30 -21.39 15.06 0.32
CA GLU A 30 -22.15 16.09 -0.39
C GLU A 30 -21.29 17.35 -0.54
N LEU A 31 -20.05 17.11 -0.90
CA LEU A 31 -19.12 18.19 -1.20
C LEU A 31 -19.16 18.35 -2.69
N ALA A 32 -19.12 19.60 -3.14
CA ALA A 32 -18.84 19.85 -4.54
C ALA A 32 -17.35 19.64 -4.74
N PHE A 33 -17.00 18.84 -5.72
CA PHE A 33 -15.60 18.60 -6.02
C PHE A 33 -15.50 18.30 -7.48
N ARG A 34 -14.35 18.58 -8.06
CA ARG A 34 -14.14 18.21 -9.43
C ARG A 34 -13.51 16.83 -9.45
N ASP A 35 -14.22 15.91 -10.05
CA ASP A 35 -13.75 14.58 -10.32
C ASP A 35 -12.95 14.62 -11.61
N LEU A 36 -11.70 15.03 -11.54
CA LEU A 36 -10.88 15.22 -12.73
C LEU A 36 -10.28 13.91 -13.24
N ARG A 37 -10.70 13.49 -14.41
CA ARG A 37 -10.25 12.22 -14.97
C ARG A 37 -9.28 12.48 -16.10
N ILE A 38 -8.00 12.19 -15.86
CA ILE A 38 -6.94 12.53 -16.80
C ILE A 38 -6.69 11.33 -17.72
N PRO A 39 -6.92 11.48 -19.03
CA PRO A 39 -6.63 10.35 -19.92
C PRO A 39 -5.16 9.95 -19.90
N LEU A 40 -4.88 8.66 -20.06
CA LEU A 40 -3.50 8.18 -20.11
C LEU A 40 -2.68 8.76 -21.27
N GLU A 41 -3.31 9.00 -22.42
CA GLU A 41 -2.60 9.64 -23.56
C GLU A 41 -2.08 11.05 -23.24
N GLN A 42 -2.69 11.71 -22.24
CA GLN A 42 -2.40 13.09 -21.85
C GLN A 42 -1.52 13.15 -20.56
N TRP A 43 -1.21 11.98 -20.01
CA TRP A 43 -0.53 11.85 -18.72
C TRP A 43 0.97 12.18 -18.76
N SER A 44 1.68 11.88 -19.84
CA SER A 44 3.10 12.28 -19.94
C SER A 44 3.30 13.82 -19.87
N GLN A 45 2.27 14.58 -20.21
CA GLN A 45 2.22 16.01 -19.98
C GLN A 45 2.10 16.39 -18.48
N HIS A 46 1.37 15.60 -17.70
CA HIS A 46 1.08 15.94 -16.30
C HIS A 46 2.06 15.41 -15.25
N LYS A 47 2.90 14.44 -15.60
CA LYS A 47 3.83 13.83 -14.65
C LYS A 47 4.65 14.83 -13.84
N ASP A 48 5.31 15.75 -14.54
CA ASP A 48 6.19 16.75 -13.92
C ASP A 48 5.51 18.13 -13.77
N SER A 49 4.18 18.13 -13.77
CA SER A 49 3.40 19.33 -13.47
C SER A 49 2.72 19.12 -12.11
N ASP A 50 1.86 20.06 -11.70
CA ASP A 50 1.24 20.03 -10.37
C ASP A 50 0.22 18.90 -10.17
N ALA A 51 -0.50 18.56 -11.24
CA ALA A 51 -1.47 17.44 -11.20
C ALA A 51 -0.84 16.10 -10.76
N GLY A 52 0.40 15.87 -11.16
CA GLY A 52 1.16 14.65 -10.81
C GLY A 52 1.74 14.70 -9.40
N GLY A 53 1.94 15.91 -8.91
CA GLY A 53 2.35 16.10 -7.53
C GLY A 53 3.82 15.83 -7.33
N PRO A 54 4.24 15.61 -6.08
CA PRO A 54 5.66 15.43 -5.80
C PRO A 54 6.25 14.18 -6.45
N TYR A 55 5.44 13.15 -6.63
CA TYR A 55 5.98 11.85 -7.03
C TYR A 55 5.61 11.42 -8.41
N GLY A 56 4.91 12.28 -9.16
CA GLY A 56 4.52 11.97 -10.54
C GLY A 56 3.63 10.74 -10.62
N SER A 57 2.59 10.72 -9.81
CA SER A 57 1.70 9.59 -9.73
C SER A 57 0.32 10.04 -9.27
N LEU A 58 -0.67 9.20 -9.54
CA LEU A 58 -2.03 9.51 -9.19
C LEU A 58 -2.56 8.39 -8.30
N PRO A 59 -3.53 8.70 -7.44
CA PRO A 59 -4.30 9.96 -7.34
C PRO A 59 -3.63 11.12 -6.62
N THR A 60 -4.11 12.34 -6.90
CA THR A 60 -3.84 13.50 -6.06
C THR A 60 -5.12 14.22 -5.70
N LEU A 61 -5.07 14.93 -4.58
CA LEU A 61 -6.17 15.73 -4.11
C LEU A 61 -5.70 17.15 -3.83
N ARG A 62 -6.48 18.12 -4.27
CA ARG A 62 -6.36 19.46 -3.80
C ARG A 62 -7.60 19.78 -2.97
N TRP A 63 -7.35 20.23 -1.75
CA TRP A 63 -8.35 20.52 -0.75
C TRP A 63 -8.13 21.94 -0.23
N HIS A 64 -8.89 22.89 -0.76
CA HIS A 64 -8.85 24.28 -0.31
C HIS A 64 -7.45 24.81 -0.21
N GLY A 65 -6.65 24.59 -1.25
CA GLY A 65 -5.27 25.08 -1.30
C GLY A 65 -4.20 24.09 -0.89
N VAL A 66 -4.58 22.98 -0.24
CA VAL A 66 -3.61 22.02 0.27
C VAL A 66 -3.52 20.82 -0.67
N GLU A 67 -2.34 20.57 -1.22
CA GLU A 67 -2.12 19.42 -2.13
C GLU A 67 -1.74 18.17 -1.33
N VAL A 68 -2.31 17.03 -1.71
CA VAL A 68 -2.10 15.75 -1.02
C VAL A 68 -1.88 14.68 -2.08
N ALA A 69 -0.98 13.73 -1.83
CA ALA A 69 -0.70 12.62 -2.77
C ALA A 69 -0.80 11.24 -2.12
N GLU A 70 -0.87 10.19 -2.95
CA GLU A 70 -0.92 8.79 -2.50
C GLU A 70 -2.27 8.40 -1.89
N THR A 71 -2.85 7.33 -2.38
CA THR A 71 -4.19 6.88 -1.97
C THR A 71 -4.36 6.76 -0.46
N ILE A 72 -3.44 6.10 0.21
CA ILE A 72 -3.57 5.89 1.65
C ILE A 72 -3.48 7.20 2.45
N ALA A 73 -2.59 8.09 2.05
CA ALA A 73 -2.42 9.37 2.75
C ALA A 73 -3.63 10.27 2.52
N ILE A 74 -4.18 10.23 1.32
CA ILE A 74 -5.36 11.00 0.99
C ILE A 74 -6.54 10.51 1.85
N ALA A 75 -6.69 9.19 1.94
CA ALA A 75 -7.75 8.59 2.75
C ALA A 75 -7.72 9.09 4.18
N SER A 76 -6.55 9.06 4.79
CA SER A 76 -6.39 9.51 6.14
C SER A 76 -6.60 11.02 6.27
N PHE A 77 -6.12 11.76 5.28
CA PHE A 77 -6.31 13.21 5.28
C PHE A 77 -7.81 13.51 5.27
N LEU A 78 -8.56 12.81 4.42
CA LEU A 78 -10.00 13.02 4.33
C LEU A 78 -10.71 12.59 5.59
N ALA A 79 -10.26 11.49 6.20
CA ALA A 79 -10.85 11.03 7.46
C ALA A 79 -10.72 12.12 8.49
N ARG A 80 -9.54 12.68 8.63
CA ARG A 80 -9.33 13.83 9.52
C ARG A 80 -10.19 15.00 9.14
N SER A 81 -10.20 15.34 7.86
CA SER A 81 -10.94 16.51 7.39
C SER A 81 -12.47 16.39 7.53
N LEU A 82 -13.02 15.19 7.39
CA LEU A 82 -14.46 14.97 7.49
C LEU A 82 -14.95 14.57 8.89
N GLY A 83 -14.06 14.47 9.87
CA GLY A 83 -14.46 14.19 11.24
C GLY A 83 -14.65 12.70 11.54
N HIS A 84 -14.14 11.83 10.69
CA HIS A 84 -14.31 10.40 10.90
C HIS A 84 -13.63 9.86 12.14
N TYR A 85 -12.67 10.58 12.70
CA TYR A 85 -11.95 10.13 13.87
C TYR A 85 -12.38 10.85 15.16
N GLU A 86 -13.33 11.79 15.08
CA GLU A 86 -13.85 12.46 16.27
C GLU A 86 -14.31 11.45 17.31
N GLY A 87 -13.84 11.60 18.55
CA GLY A 87 -14.21 10.72 19.67
C GLY A 87 -13.69 9.29 19.60
N ARG A 88 -12.54 9.09 18.96
CA ARG A 88 -11.95 7.77 18.80
C ARG A 88 -10.52 7.82 19.27
N ASP A 89 -10.14 6.85 20.09
CA ASP A 89 -8.77 6.75 20.55
C ASP A 89 -7.91 6.12 19.46
N ASN A 90 -6.61 6.04 19.70
CA ASN A 90 -5.68 5.59 18.67
C ASN A 90 -5.90 4.18 18.21
N GLY A 91 -6.29 3.31 19.14
CA GLY A 91 -6.63 1.93 18.84
C GLY A 91 -7.82 1.75 17.91
N GLU A 92 -8.87 2.53 18.14
CA GLU A 92 -10.07 2.52 17.28
C GLU A 92 -9.75 3.09 15.92
N ILE A 93 -8.99 4.17 15.89
CA ILE A 93 -8.56 4.77 14.64
C ILE A 93 -7.74 3.73 13.84
N ALA A 94 -6.84 3.03 14.53
CA ALA A 94 -5.93 2.08 13.88
C ALA A 94 -6.65 0.91 13.27
N ARG A 95 -7.71 0.45 13.93
CA ARG A 95 -8.60 -0.56 13.36
C ARG A 95 -9.25 -0.07 12.04
N LEU A 96 -9.75 1.16 12.01
CA LEU A 96 -10.33 1.71 10.79
C LEU A 96 -9.27 1.89 9.71
N GLU A 97 -8.04 2.26 10.07
CA GLU A 97 -6.96 2.43 9.08
C GLU A 97 -6.44 1.08 8.55
N ALA A 98 -6.51 0.06 9.39
CA ALA A 98 -6.16 -1.30 8.97
C ALA A 98 -7.09 -1.83 7.87
N VAL A 99 -8.35 -1.44 7.93
CA VAL A 99 -9.32 -1.85 6.95
C VAL A 99 -9.03 -1.22 5.60
N VAL A 100 -8.81 0.09 5.60
CA VAL A 100 -8.42 0.80 4.39
C VAL A 100 -7.16 0.16 3.82
N SER A 101 -6.17 -0.01 4.67
CA SER A 101 -4.86 -0.45 4.22
C SER A 101 -4.95 -1.84 3.58
N LEU A 102 -5.73 -2.72 4.21
CA LEU A 102 -5.95 -4.08 3.71
C LEU A 102 -6.69 -4.09 2.37
N CYS A 103 -7.76 -3.30 2.26
CA CYS A 103 -8.51 -3.21 1.03
C CYS A 103 -7.69 -2.64 -0.10
N TYR A 104 -6.84 -1.67 0.20
CA TYR A 104 -6.07 -1.06 -0.85
C TYR A 104 -4.90 -1.96 -1.25
N THR A 105 -4.14 -2.42 -0.27
CA THR A 105 -2.92 -3.15 -0.56
C THR A 105 -3.21 -4.55 -1.08
N GLU A 106 -4.08 -5.26 -0.37
CA GLU A 106 -4.27 -6.68 -0.62
C GLU A 106 -5.34 -6.96 -1.64
N VAL A 107 -6.15 -5.97 -1.99
CA VAL A 107 -7.25 -6.21 -2.94
C VAL A 107 -7.15 -5.31 -4.16
N SER A 108 -7.21 -4.02 -3.97
CA SER A 108 -7.22 -3.12 -5.11
C SER A 108 -5.92 -3.16 -5.92
N LEU A 109 -4.76 -3.17 -5.26
CA LEU A 109 -3.52 -3.27 -5.99
C LEU A 109 -3.34 -4.67 -6.60
N GLN A 110 -3.83 -5.70 -5.92
CA GLN A 110 -3.65 -7.07 -6.40
C GLN A 110 -4.57 -7.39 -7.58
N ILE A 111 -5.80 -6.89 -7.55
CA ILE A 111 -6.72 -7.08 -8.68
C ILE A 111 -6.10 -6.44 -9.92
N ALA A 112 -5.52 -5.26 -9.73
CA ALA A 112 -4.86 -4.54 -10.82
C ALA A 112 -3.65 -5.31 -11.32
N GLN A 113 -2.88 -5.89 -10.43
CA GLN A 113 -1.73 -6.73 -10.82
C GLN A 113 -2.16 -7.96 -11.59
N LEU A 114 -3.27 -8.58 -11.19
CA LEU A 114 -3.81 -9.71 -11.95
C LEU A 114 -4.17 -9.32 -13.37
N LEU A 115 -4.75 -8.14 -13.53
CA LEU A 115 -5.10 -7.65 -14.86
C LEU A 115 -3.87 -7.34 -15.70
N TRP A 116 -2.80 -6.86 -15.05
CA TRP A 116 -1.55 -6.56 -15.75
C TRP A 116 -0.56 -7.72 -15.77
N LEU A 117 -0.96 -8.91 -15.33
CA LEU A 117 0.02 -9.96 -15.04
C LEU A 117 0.84 -10.38 -16.26
N ASP A 118 0.20 -10.48 -17.41
CA ASP A 118 0.90 -10.84 -18.66
C ASP A 118 2.03 -9.89 -18.97
N LEU A 119 1.69 -8.61 -19.00
CA LEU A 119 2.60 -7.58 -19.47
C LEU A 119 3.70 -7.23 -18.47
N PHE A 120 3.49 -7.58 -17.21
CA PHE A 120 4.47 -7.33 -16.15
C PHE A 120 5.30 -8.58 -15.83
N ASN A 121 4.72 -9.76 -16.07
CA ASN A 121 5.42 -11.04 -15.91
C ASN A 121 5.35 -11.92 -17.19
N PRO A 122 6.11 -11.58 -18.25
CA PRO A 122 6.10 -12.36 -19.50
C PRO A 122 6.41 -13.85 -19.31
N GLY A 123 5.70 -14.71 -20.03
CA GLY A 123 5.89 -16.16 -19.96
C GLY A 123 5.24 -16.82 -18.75
N VAL A 124 4.50 -16.04 -17.96
CA VAL A 124 3.83 -16.61 -16.80
C VAL A 124 2.68 -17.52 -17.23
N ASP A 125 2.52 -18.63 -16.50
CA ASP A 125 1.42 -19.56 -16.68
C ASP A 125 0.22 -19.07 -15.84
N LEU A 126 -0.73 -18.42 -16.49
CA LEU A 126 -1.91 -17.90 -15.82
C LEU A 126 -2.63 -18.98 -15.00
N ALA A 127 -2.79 -20.16 -15.59
CA ALA A 127 -3.48 -21.25 -14.90
C ALA A 127 -2.86 -21.66 -13.56
N ALA A 128 -1.55 -21.50 -13.43
CA ALA A 128 -0.86 -21.79 -12.16
C ALA A 128 -0.84 -20.57 -11.22
N ALA A 129 -0.52 -19.41 -11.79
CA ALA A 129 -0.29 -18.19 -11.01
C ALA A 129 -1.55 -17.56 -10.40
N VAL A 130 -2.64 -17.58 -11.16
CA VAL A 130 -3.85 -16.87 -10.76
C VAL A 130 -4.48 -17.52 -9.53
N PRO A 131 -4.72 -18.84 -9.55
CA PRO A 131 -5.34 -19.48 -8.37
C PRO A 131 -4.66 -19.14 -7.05
N LEU A 132 -3.33 -19.05 -7.05
CA LEU A 132 -2.56 -18.69 -5.86
C LEU A 132 -2.83 -17.27 -5.40
N GLN A 133 -2.62 -16.32 -6.29
CA GLN A 133 -2.69 -14.91 -5.95
C GLN A 133 -4.13 -14.55 -5.58
N PHE A 134 -5.06 -15.03 -6.39
CA PHE A 134 -6.46 -14.90 -6.09
C PHE A 134 -6.89 -15.55 -4.76
N GLY A 135 -6.38 -16.75 -4.48
CA GLY A 135 -6.68 -17.41 -3.22
C GLY A 135 -6.21 -16.62 -2.01
N ARG A 136 -5.03 -16.02 -2.11
CA ARG A 136 -4.52 -15.12 -1.08
C ARG A 136 -5.46 -13.94 -0.85
N LEU A 137 -5.88 -13.35 -1.96
CA LEU A 137 -6.75 -12.20 -1.95
C LEU A 137 -8.09 -12.49 -1.26
N VAL A 138 -8.72 -13.61 -1.59
CA VAL A 138 -9.93 -14.03 -0.91
C VAL A 138 -9.71 -14.37 0.57
N ALA A 139 -8.58 -15.01 0.87
CA ALA A 139 -8.25 -15.29 2.27
C ALA A 139 -8.22 -14.02 3.11
N ARG A 140 -7.65 -12.95 2.56
CA ARG A 140 -7.55 -11.68 3.30
C ARG A 140 -8.91 -11.09 3.53
N LEU A 141 -9.76 -11.08 2.51
CA LEU A 141 -11.14 -10.57 2.65
C LEU A 141 -11.99 -11.42 3.58
N THR A 142 -11.72 -12.72 3.58
CA THR A 142 -12.38 -13.62 4.49
C THR A 142 -12.11 -13.26 5.94
N ARG A 143 -10.90 -12.83 6.25
CA ARG A 143 -10.57 -12.41 7.60
C ARG A 143 -11.20 -11.04 7.94
N LEU A 144 -11.20 -10.11 6.99
CA LEU A 144 -11.90 -8.84 7.16
C LEU A 144 -13.37 -9.06 7.45
N GLU A 145 -13.98 -9.99 6.72
CA GLU A 145 -15.39 -10.37 6.87
C GLU A 145 -15.72 -10.78 8.30
N ALA A 146 -14.80 -11.45 8.98
CA ALA A 146 -15.03 -11.92 10.36
C ALA A 146 -15.22 -10.76 11.35
N HIS A 147 -14.69 -9.58 11.03
CA HIS A 147 -14.84 -8.40 11.87
C HIS A 147 -15.68 -7.31 11.21
N THR A 148 -16.50 -7.69 10.23
CA THR A 148 -17.36 -6.77 9.56
C THR A 148 -18.71 -6.82 10.23
N PRO A 149 -19.24 -5.66 10.65
CA PRO A 149 -20.50 -5.68 11.38
C PRO A 149 -21.69 -6.05 10.50
N GLU A 150 -22.65 -6.73 11.12
CA GLU A 150 -23.83 -7.28 10.45
C GLU A 150 -24.76 -6.17 9.98
N ALA A 151 -24.78 -5.08 10.75
CA ALA A 151 -25.58 -3.91 10.43
C ALA A 151 -24.75 -2.63 10.54
N GLY A 152 -25.12 -1.63 9.76
CA GLY A 152 -24.44 -0.34 9.84
C GLY A 152 -23.05 -0.42 9.24
N TRP A 153 -22.12 0.30 9.84
CA TRP A 153 -20.88 0.57 9.17
C TRP A 153 -19.72 0.27 10.10
N PHE A 154 -18.52 0.18 9.55
CA PHE A 154 -17.32 0.23 10.37
C PHE A 154 -17.30 1.50 11.21
N GLY A 155 -17.81 2.59 10.65
CA GLY A 155 -17.96 3.85 11.39
C GLY A 155 -19.16 3.95 12.31
N GLY A 156 -19.92 2.88 12.49
CA GLY A 156 -21.08 2.90 13.41
C GLY A 156 -22.38 3.27 12.70
N GLU A 157 -23.01 4.37 13.08
CA GLU A 157 -24.24 4.82 12.44
C GLU A 157 -23.97 5.55 11.12
N ARG A 158 -22.73 5.98 10.92
CA ARG A 158 -22.36 6.61 9.66
C ARG A 158 -21.09 6.04 9.03
N PRO A 159 -21.01 6.11 7.69
CA PRO A 159 -19.85 5.59 6.98
C PRO A 159 -18.62 6.42 7.19
N VAL A 160 -17.47 5.74 7.26
CA VAL A 160 -16.15 6.38 7.31
C VAL A 160 -15.30 5.81 6.19
N ALA A 162 -13.09 3.57 5.97
CA ALA A 162 -13.01 2.11 5.91
C ALA A 162 -14.20 1.51 5.15
N ASP A 163 -15.38 2.09 5.35
CA ASP A 163 -16.59 1.62 4.70
C ASP A 163 -16.54 1.80 3.21
N TYR A 164 -16.08 2.96 2.75
CA TYR A 164 -15.99 3.23 1.32
C TYR A 164 -14.97 2.30 0.62
N PHE A 165 -13.85 2.02 1.29
CA PHE A 165 -12.84 1.13 0.76
C PHE A 165 -13.28 -0.31 0.81
N ALA A 166 -13.94 -0.70 1.87
CA ALA A 166 -14.45 -2.09 1.95
C ALA A 166 -15.45 -2.38 0.84
N ALA A 167 -16.34 -1.45 0.56
CA ALA A 167 -17.34 -1.67 -0.47
C ALA A 167 -16.72 -1.76 -1.84
N GLU A 168 -15.71 -0.94 -2.11
CA GLU A 168 -15.02 -1.00 -3.42
C GLU A 168 -14.13 -2.21 -3.56
N ALA A 169 -13.66 -2.74 -2.45
CA ALA A 169 -12.94 -4.03 -2.48
C ALA A 169 -13.89 -5.16 -2.94
N ILE A 170 -15.13 -5.14 -2.49
CA ILE A 170 -16.11 -6.10 -2.98
C ILE A 170 -16.44 -5.87 -4.46
N GLU A 171 -16.68 -4.64 -4.85
CA GLU A 171 -16.94 -4.35 -6.28
C GLU A 171 -15.76 -4.71 -7.14
N ALA A 172 -14.54 -4.45 -6.69
CA ALA A 172 -13.37 -4.88 -7.42
C ALA A 172 -13.40 -6.40 -7.64
N LEU A 173 -13.66 -7.15 -6.58
CA LEU A 173 -13.66 -8.60 -6.67
C LEU A 173 -14.78 -9.10 -7.58
N ARG A 174 -15.93 -8.47 -7.46
CA ARG A 174 -17.09 -8.82 -8.28
C ARG A 174 -16.85 -8.53 -9.77
N TYR A 175 -16.19 -7.40 -10.05
CA TYR A 175 -15.75 -7.03 -11.40
C TYR A 175 -14.84 -8.08 -12.00
N LEU A 176 -13.91 -8.62 -11.22
CA LEU A 176 -12.98 -9.62 -11.75
C LEU A 176 -13.69 -10.93 -12.06
N LEU A 177 -14.46 -11.40 -11.09
CA LEU A 177 -15.17 -12.66 -11.21
C LEU A 177 -16.26 -12.68 -12.28
N GLY A 178 -17.05 -11.60 -12.34
CA GLY A 178 -18.24 -11.54 -13.17
C GLY A 178 -19.47 -11.89 -12.34
N ARG A 179 -20.64 -11.55 -12.85
CA ARG A 179 -21.89 -11.71 -12.12
C ARG A 179 -22.30 -13.17 -11.90
N GLU A 180 -21.82 -14.10 -12.73
CA GLU A 180 -22.12 -15.52 -12.55
C GLU A 180 -21.86 -15.96 -11.10
N HIS A 181 -20.83 -15.43 -10.47
CA HIS A 181 -20.37 -15.92 -9.17
C HIS A 181 -20.82 -15.11 -7.97
N ASP A 182 -21.88 -14.34 -8.11
CA ASP A 182 -22.40 -13.56 -6.99
C ASP A 182 -22.82 -14.45 -5.80
N ASP A 183 -23.49 -15.56 -6.09
CA ASP A 183 -23.97 -16.45 -5.04
C ASP A 183 -22.82 -16.97 -4.17
N ALA A 184 -21.72 -17.33 -4.81
CA ALA A 184 -20.55 -17.81 -4.10
C ALA A 184 -19.96 -16.72 -3.23
N LEU A 185 -19.84 -15.50 -3.76
CA LEU A 185 -19.40 -14.37 -2.93
C LEU A 185 -20.28 -14.18 -1.72
N ARG A 186 -21.59 -14.20 -1.92
CA ARG A 186 -22.54 -13.92 -0.83
C ARG A 186 -22.40 -14.97 0.27
N THR A 187 -21.98 -16.17 -0.10
CA THR A 187 -21.79 -17.24 0.86
C THR A 187 -20.53 -17.05 1.68
N ARG A 188 -19.43 -16.70 1.03
CA ARG A 188 -18.15 -16.51 1.72
C ARG A 188 -18.08 -15.15 2.44
N LEU A 189 -18.69 -14.12 1.86
CA LEU A 189 -18.55 -12.76 2.38
C LEU A 189 -19.90 -12.09 2.64
N PRO A 190 -20.77 -12.74 3.42
CA PRO A 190 -22.14 -12.20 3.53
C PRO A 190 -22.21 -10.75 4.06
N HIS A 191 -21.47 -10.46 5.12
CA HIS A 191 -21.55 -9.15 5.75
C HIS A 191 -20.90 -8.06 4.90
N LEU A 192 -19.80 -8.38 4.21
CA LEU A 192 -19.16 -7.41 3.32
C LEU A 192 -20.06 -7.16 2.10
N CYS A 193 -20.66 -8.22 1.56
CA CYS A 193 -21.60 -8.09 0.45
C CYS A 193 -22.77 -7.17 0.78
N ALA A 194 -23.36 -7.39 1.94
CA ALA A 194 -24.49 -6.57 2.38
C ALA A 194 -24.09 -5.12 2.59
N LEU A 195 -22.84 -4.89 2.97
CA LEU A 195 -22.35 -3.55 3.23
C LEU A 195 -22.17 -2.82 1.93
N ALA A 196 -21.57 -3.50 0.95
CA ALA A 196 -21.46 -2.98 -0.39
C ALA A 196 -22.83 -2.63 -0.99
N ARG A 197 -23.84 -3.46 -0.73
CA ARG A 197 -25.20 -3.18 -1.21
C ARG A 197 -25.77 -1.93 -0.57
N ARG A 198 -25.62 -1.80 0.74
CA ARG A 198 -26.05 -0.60 1.43
C ARG A 198 -25.36 0.64 0.85
N ALA A 200 -24.14 1.11 -2.12
CA ALA A 200 -24.66 1.40 -3.47
C ALA A 200 -26.01 2.14 -3.47
N GLN A 201 -26.78 1.96 -2.40
CA GLN A 201 -28.12 2.58 -2.26
C GLN A 201 -28.11 3.97 -1.62
N ARG A 202 -26.96 4.48 -1.19
CA ARG A 202 -26.91 5.80 -0.54
C ARG A 202 -27.29 6.85 -1.58
N PRO A 203 -28.32 7.66 -1.29
CA PRO A 203 -28.77 8.64 -2.29
C PRO A 203 -27.72 9.65 -2.74
N ALA A 204 -26.82 10.02 -1.83
CA ALA A 204 -25.79 10.99 -2.16
C ALA A 204 -24.74 10.42 -3.12
N LEU A 205 -24.71 9.10 -3.29
CA LEU A 205 -23.85 8.46 -4.30
C LEU A 205 -24.49 8.22 -5.66
N ALA A 206 -25.71 8.69 -5.91
CA ALA A 206 -26.38 8.40 -7.20
C ALA A 206 -25.61 8.90 -8.41
N GLN A 207 -25.03 10.09 -8.33
CA GLN A 207 -24.27 10.64 -9.46
C GLN A 207 -22.97 9.89 -9.68
N ALA A 208 -22.35 9.46 -8.60
CA ALA A 208 -21.12 8.69 -8.67
C ALA A 208 -21.35 7.36 -9.36
N TRP A 209 -22.41 6.66 -8.98
CA TRP A 209 -22.80 5.44 -9.69
C TRP A 209 -23.14 5.71 -11.13
N SER A 210 -23.86 6.80 -11.37
CA SER A 210 -24.21 7.18 -12.74
C SER A 210 -22.96 7.39 -13.63
N THR A 211 -21.90 7.97 -13.07
CA THR A 211 -20.72 8.28 -13.85
C THR A 211 -19.56 7.34 -13.57
N ARG A 212 -19.85 6.21 -12.95
CA ARG A 212 -18.86 5.21 -12.60
C ARG A 212 -18.02 4.82 -13.81
N PRO A 213 -16.69 4.81 -13.68
CA PRO A 213 -15.82 4.33 -14.74
C PRO A 213 -16.02 2.84 -15.07
N GLN A 214 -15.85 2.51 -16.35
CA GLN A 214 -16.14 1.19 -16.88
C GLN A 214 -15.06 0.17 -16.60
N THR A 215 -13.80 0.61 -16.57
CA THR A 215 -12.68 -0.32 -16.38
C THR A 215 -11.96 -0.11 -15.06
N PHE A 216 -11.25 -1.14 -14.63
CA PHE A 216 -10.53 -1.09 -13.38
C PHE A 216 -9.12 -0.44 -13.53
N THR A 217 -8.42 -0.76 -14.61
CA THR A 217 -7.13 -0.16 -14.93
C THR A 217 -7.22 0.49 -16.32
N ALA A 218 -6.11 1.09 -16.76
CA ALA A 218 -6.01 1.59 -18.14
C ALA A 218 -5.40 0.58 -19.13
N HIS A 219 -5.37 -0.69 -18.75
CA HIS A 219 -4.99 -1.79 -19.65
C HIS A 219 -5.56 -1.52 -21.04
N PRO A 220 -4.73 -1.65 -22.09
CA PRO A 220 -5.19 -1.30 -23.43
C PRO A 220 -6.41 -2.12 -23.88
N ASP A 221 -6.36 -3.45 -23.72
CA ASP A 221 -7.54 -4.30 -23.88
C ASP A 221 -7.80 -5.08 -22.60
N GLU A 222 -8.51 -4.44 -21.67
CA GLU A 222 -8.83 -5.04 -20.38
C GLU A 222 -9.88 -6.13 -20.52
N ALA A 223 -10.84 -5.89 -21.42
CA ALA A 223 -11.88 -6.88 -21.75
C ALA A 223 -11.27 -8.21 -22.16
N ALA A 224 -10.18 -8.16 -22.91
CA ALA A 224 -9.50 -9.38 -23.36
C ALA A 224 -9.02 -10.14 -22.16
N LEU A 226 -9.88 -10.00 -19.06
CA LEU A 226 -10.92 -10.54 -18.19
C LEU A 226 -11.40 -11.91 -18.61
N GLU A 227 -11.69 -12.08 -19.91
CA GLU A 227 -12.23 -13.35 -20.39
C GLU A 227 -11.21 -14.47 -20.23
N ARG A 228 -9.92 -14.15 -20.38
CA ARG A 228 -8.87 -15.11 -20.03
C ARG A 228 -8.89 -15.46 -18.55
N LEU A 229 -9.00 -14.45 -17.70
CA LEU A 229 -9.12 -14.69 -16.26
C LEU A 229 -10.38 -15.45 -15.85
N ARG A 230 -11.49 -15.20 -16.53
CA ARG A 230 -12.75 -15.87 -16.20
C ARG A 230 -12.87 -17.28 -16.78
N ALA A 231 -12.05 -17.60 -17.78
CA ALA A 231 -11.96 -18.97 -18.28
C ALA A 231 -11.36 -19.88 -17.23
N LEU A 232 -10.57 -19.29 -16.32
CA LEU A 232 -9.95 -20.05 -15.23
C LEU A 232 -10.96 -20.40 -14.16
N PRO A 233 -10.76 -21.53 -13.46
CA PRO A 233 -11.72 -21.99 -12.46
C PRO A 233 -11.64 -21.26 -11.10
N LEU A 234 -12.01 -19.98 -11.08
CA LEU A 234 -11.90 -19.17 -9.86
C LEU A 234 -13.01 -19.48 -8.83
N ALA A 235 -14.12 -20.05 -9.28
CA ALA A 235 -15.25 -20.34 -8.40
C ALA A 235 -14.89 -21.40 -7.36
N ALA A 236 -14.13 -22.40 -7.77
CA ALA A 236 -13.71 -23.47 -6.86
C ALA A 236 -12.82 -22.92 -5.74
N THR A 237 -12.03 -21.89 -6.05
CA THR A 237 -11.22 -21.21 -5.04
C THR A 237 -12.09 -20.66 -3.90
N ILE A 238 -13.17 -19.93 -4.24
CA ILE A 238 -14.08 -19.40 -3.20
C ILE A 238 -14.66 -20.52 -2.30
N GLY A 239 -15.28 -21.53 -2.92
CA GLY A 239 -15.92 -22.63 -2.21
C GLY A 239 -14.93 -23.62 -1.65
N GLU B 6 5.82 -7.96 29.09
CA GLU B 6 6.12 -6.74 28.27
C GLU B 6 4.83 -6.13 27.72
N PRO B 7 4.54 -4.88 28.10
CA PRO B 7 3.33 -4.22 27.62
C PRO B 7 3.35 -3.87 26.13
N ILE B 8 4.54 -3.79 25.55
CA ILE B 8 4.69 -3.58 24.11
C ILE B 8 5.39 -4.75 23.42
N ILE B 9 4.71 -5.35 22.44
CA ILE B 9 5.20 -6.49 21.67
C ILE B 9 4.96 -6.30 20.18
N LEU B 10 6.03 -6.39 19.39
CA LEU B 10 5.90 -6.46 17.93
C LEU B 10 6.12 -7.90 17.47
N ARG B 11 5.14 -8.47 16.75
CA ARG B 11 5.22 -9.83 16.22
C ARG B 11 5.45 -9.83 14.71
N TYR B 12 6.54 -10.45 14.27
CA TYR B 12 6.81 -10.64 12.84
C TYR B 12 7.73 -11.84 12.69
N PHE B 13 7.96 -12.28 11.47
CA PHE B 13 8.95 -13.33 11.21
C PHE B 13 10.37 -12.80 11.43
N PRO B 14 11.35 -13.70 11.54
CA PRO B 14 12.74 -13.23 11.66
C PRO B 14 13.35 -12.78 10.33
N VAL B 15 12.71 -11.81 9.69
CA VAL B 15 13.18 -11.26 8.43
C VAL B 15 12.92 -9.75 8.44
N LEU B 16 13.41 -9.05 7.44
CA LEU B 16 13.30 -7.58 7.42
C LEU B 16 11.92 -7.13 6.94
N GLY B 17 11.49 -7.74 5.84
CA GLY B 17 10.43 -7.22 4.95
C GLY B 17 9.52 -6.08 5.37
N ARG B 18 8.44 -6.44 6.06
CA ARG B 18 7.37 -5.49 6.40
C ARG B 18 7.55 -4.86 7.76
N ALA B 19 8.61 -5.19 8.50
CA ALA B 19 8.66 -4.78 9.89
C ALA B 19 9.92 -4.07 10.36
N GLN B 20 10.99 -4.05 9.59
CA GLN B 20 12.23 -3.50 10.14
C GLN B 20 12.05 -2.02 10.50
N ALA B 21 11.44 -1.23 9.63
CA ALA B 21 11.16 0.16 9.94
C ALA B 21 10.38 0.30 11.25
N LEU B 22 9.44 -0.59 11.51
CA LEU B 22 8.68 -0.52 12.76
C LEU B 22 9.57 -0.87 13.94
N ARG B 23 10.49 -1.82 13.77
CA ARG B 23 11.46 -2.15 14.84
C ARG B 23 12.29 -0.95 15.15
N HIS B 24 12.71 -0.23 14.11
CA HIS B 24 13.52 0.95 14.31
C HIS B 24 12.80 2.05 15.03
N ALA B 25 11.53 2.29 14.69
CA ALA B 25 10.74 3.32 15.38
C ALA B 25 10.62 3.01 16.87
N LEU B 26 10.32 1.77 17.21
CA LEU B 26 10.26 1.37 18.62
C LEU B 26 11.64 1.51 19.32
N ALA B 27 12.71 1.03 18.68
CA ALA B 27 14.03 1.10 19.29
C ALA B 27 14.52 2.53 19.47
N ASP B 28 14.32 3.37 18.45
CA ASP B 28 14.82 4.75 18.48
C ASP B 28 14.10 5.60 19.50
N ALA B 29 12.86 5.24 19.81
CA ALA B 29 12.15 5.91 20.88
C ALA B 29 12.66 5.36 22.20
N GLU B 30 12.38 6.07 23.28
CA GLU B 30 12.88 5.62 24.57
C GLU B 30 11.88 4.59 25.14
N LEU B 31 11.99 3.34 24.66
CA LEU B 31 10.94 2.33 24.89
C LEU B 31 11.42 0.90 24.94
N ALA B 32 11.11 0.19 26.01
CA ALA B 32 11.32 -1.26 26.06
C ALA B 32 10.22 -1.98 25.29
N PHE B 33 10.62 -2.92 24.42
CA PHE B 33 9.65 -3.73 23.70
C PHE B 33 10.21 -5.10 23.39
N ARG B 34 9.32 -6.09 23.37
CA ARG B 34 9.66 -7.43 22.97
C ARG B 34 9.54 -7.54 21.45
N ASP B 35 10.68 -7.79 20.81
CA ASP B 35 10.73 -8.07 19.41
C ASP B 35 10.50 -9.57 19.27
N LEU B 36 9.24 -9.96 19.17
CA LEU B 36 8.88 -11.38 19.08
C LEU B 36 9.04 -11.86 17.65
N ARG B 37 9.93 -12.82 17.46
CA ARG B 37 10.26 -13.32 16.15
C ARG B 37 9.75 -14.74 16.02
N ILE B 38 8.78 -14.92 15.13
CA ILE B 38 8.08 -16.18 15.00
C ILE B 38 8.68 -16.95 13.84
N PRO B 39 9.16 -18.19 14.11
CA PRO B 39 9.76 -19.08 13.11
C PRO B 39 9.01 -19.10 11.78
N LEU B 40 9.76 -19.23 10.69
CA LEU B 40 9.23 -19.05 9.32
C LEU B 40 8.09 -20.02 8.92
N GLU B 41 8.00 -21.17 9.59
CA GLU B 41 6.84 -22.06 9.48
C GLU B 41 5.61 -21.53 10.22
N TYR B 55 -6.69 -10.31 11.29
CA TYR B 55 -6.70 -10.78 9.91
C TYR B 55 -5.66 -11.90 9.64
N GLY B 56 -5.25 -12.61 10.70
CA GLY B 56 -4.31 -13.73 10.61
C GLY B 56 -3.05 -13.42 9.81
N SER B 57 -2.57 -12.19 9.90
CA SER B 57 -1.43 -11.76 9.12
C SER B 57 -0.48 -10.94 9.98
N LEU B 58 0.75 -10.80 9.51
CA LEU B 58 1.81 -10.16 10.27
C LEU B 58 2.43 -9.06 9.41
N PRO B 59 2.96 -8.00 10.05
CA PRO B 59 3.17 -7.84 11.48
C PRO B 59 1.93 -7.44 12.27
N THR B 60 1.98 -7.75 13.58
CA THR B 60 1.02 -7.27 14.55
C THR B 60 1.77 -6.56 15.67
N LEU B 61 1.09 -5.63 16.32
CA LEU B 61 1.63 -4.91 17.46
C LEU B 61 0.64 -4.98 18.60
N ARG B 62 1.13 -5.31 19.79
CA ARG B 62 0.36 -5.09 21.00
C ARG B 62 0.96 -3.90 21.77
N TRP B 63 0.12 -2.94 22.13
CA TRP B 63 0.58 -1.74 22.82
C TRP B 63 -0.30 -1.43 24.01
N HIS B 64 0.16 -1.77 25.20
CA HIS B 64 -0.60 -1.50 26.42
C HIS B 64 -2.05 -1.92 26.28
N GLY B 65 -2.24 -3.18 25.94
CA GLY B 65 -3.58 -3.75 25.79
C GLY B 65 -4.25 -3.58 24.44
N VAL B 66 -3.66 -2.80 23.53
CA VAL B 66 -4.29 -2.54 22.24
C VAL B 66 -3.59 -3.36 21.14
N GLU B 67 -4.37 -4.14 20.40
CA GLU B 67 -3.86 -4.94 19.30
C GLU B 67 -4.00 -4.11 18.03
N VAL B 68 -2.92 -3.99 17.26
CA VAL B 68 -2.95 -3.24 16.02
C VAL B 68 -2.42 -4.13 14.90
N ALA B 69 -3.02 -4.07 13.71
CA ALA B 69 -2.58 -4.87 12.59
C ALA B 69 -2.34 -4.02 11.33
N GLU B 70 -1.55 -4.57 10.40
CA GLU B 70 -1.25 -4.00 9.08
C GLU B 70 -0.16 -2.98 9.21
N THR B 71 0.91 -3.15 8.43
CA THR B 71 2.11 -2.33 8.55
C THR B 71 1.84 -0.84 8.53
N ILE B 72 1.06 -0.37 7.56
CA ILE B 72 0.80 1.05 7.44
C ILE B 72 0.02 1.62 8.64
N ALA B 73 -0.95 0.86 9.12
CA ALA B 73 -1.78 1.31 10.24
C ALA B 73 -0.95 1.30 11.51
N ILE B 74 -0.02 0.35 11.61
CA ILE B 74 0.87 0.34 12.76
C ILE B 74 1.77 1.57 12.73
N ALA B 75 2.28 1.90 11.54
CA ALA B 75 3.14 3.08 11.40
C ALA B 75 2.43 4.33 11.85
N SER B 76 1.21 4.51 11.37
CA SER B 76 0.37 5.65 11.78
C SER B 76 -0.01 5.63 13.27
N PHE B 77 -0.31 4.45 13.82
CA PHE B 77 -0.58 4.31 15.24
C PHE B 77 0.62 4.75 16.08
N LEU B 78 1.81 4.28 15.72
CA LEU B 78 3.01 4.69 16.42
C LEU B 78 3.28 6.17 16.22
N ALA B 79 3.06 6.68 15.03
CA ALA B 79 3.25 8.10 14.79
C ALA B 79 2.43 8.89 15.80
N ARG B 80 1.18 8.50 16.03
CA ARG B 80 0.34 9.22 16.99
C ARG B 80 0.81 9.05 18.41
N SER B 81 1.10 7.82 18.77
CA SER B 81 1.54 7.48 20.12
C SER B 81 2.85 8.16 20.49
N LEU B 82 3.80 8.19 19.54
CA LEU B 82 5.11 8.78 19.80
C LEU B 82 5.20 10.31 19.57
N GLY B 83 4.08 10.99 19.36
CA GLY B 83 4.06 12.46 19.25
C GLY B 83 4.59 13.04 17.94
N HIS B 84 4.76 12.19 16.94
CA HIS B 84 5.29 12.64 15.64
C HIS B 84 4.46 13.69 14.90
N TYR B 85 3.15 13.74 15.18
CA TYR B 85 2.22 14.66 14.52
C TYR B 85 1.81 15.88 15.37
N GLU B 86 2.38 16.03 16.56
CA GLU B 86 2.10 17.22 17.39
C GLU B 86 2.63 18.49 16.71
N GLY B 87 1.79 19.52 16.65
CA GLY B 87 2.19 20.80 16.03
C GLY B 87 2.31 20.78 14.51
N ARG B 88 1.76 19.75 13.87
CA ARG B 88 1.74 19.71 12.41
C ARG B 88 0.29 19.75 11.93
N ASP B 89 0.02 20.54 10.89
CA ASP B 89 -1.32 20.57 10.32
C ASP B 89 -1.59 19.33 9.45
N ASN B 90 -2.83 19.16 9.02
CA ASN B 90 -3.23 17.93 8.35
C ASN B 90 -2.56 17.68 7.01
N GLY B 91 -2.27 18.75 6.29
CA GLY B 91 -1.51 18.70 5.04
C GLY B 91 -0.08 18.22 5.25
N GLU B 92 0.55 18.71 6.34
CA GLU B 92 1.90 18.31 6.77
C GLU B 92 1.90 16.83 7.16
N ILE B 93 0.92 16.42 7.96
CA ILE B 93 0.83 15.02 8.37
C ILE B 93 0.72 14.12 7.13
N ALA B 94 -0.01 14.60 6.12
CA ALA B 94 -0.25 13.80 4.94
C ALA B 94 0.95 13.70 4.01
N ARG B 95 1.82 14.69 4.05
CA ARG B 95 3.08 14.59 3.34
C ARG B 95 3.93 13.51 3.95
N LEU B 96 4.00 13.49 5.27
CA LEU B 96 4.74 12.44 5.94
C LEU B 96 4.16 11.05 5.71
N GLU B 97 2.84 10.94 5.78
CA GLU B 97 2.17 9.68 5.55
C GLU B 97 2.34 9.18 4.12
N ALA B 98 2.43 10.10 3.14
CA ALA B 98 2.63 9.69 1.75
C ALA B 98 4.04 9.11 1.53
N VAL B 99 5.01 9.61 2.30
CA VAL B 99 6.38 9.10 2.22
C VAL B 99 6.43 7.66 2.68
N VAL B 100 5.75 7.39 3.80
CA VAL B 100 5.66 6.03 4.33
C VAL B 100 5.01 5.13 3.30
N SER B 101 3.90 5.61 2.73
CA SER B 101 3.15 4.82 1.75
C SER B 101 3.96 4.58 0.45
N LEU B 102 4.69 5.58 -0.03
CA LEU B 102 5.50 5.37 -1.22
C LEU B 102 6.58 4.35 -0.90
N CYS B 103 7.28 4.56 0.21
CA CYS B 103 8.40 3.70 0.57
C CYS B 103 7.98 2.25 0.78
N TYR B 104 6.88 2.03 1.49
CA TYR B 104 6.42 0.69 1.76
C TYR B 104 5.76 0.04 0.54
N THR B 105 4.75 0.69 -0.02
CA THR B 105 3.98 0.00 -1.05
C THR B 105 4.66 -0.04 -2.40
N GLU B 106 5.45 0.98 -2.73
CA GLU B 106 6.05 1.06 -4.05
C GLU B 106 7.48 0.61 -4.09
N VAL B 107 8.09 0.35 -2.94
CA VAL B 107 9.50 -0.01 -2.92
C VAL B 107 9.72 -1.29 -2.12
N SER B 108 9.60 -1.22 -0.80
CA SER B 108 9.76 -2.42 0.03
C SER B 108 8.88 -3.60 -0.38
N LEU B 109 7.57 -3.38 -0.57
CA LEU B 109 6.70 -4.47 -1.00
C LEU B 109 7.11 -5.03 -2.37
N GLN B 110 7.62 -4.18 -3.26
CA GLN B 110 7.97 -4.62 -4.62
C GLN B 110 9.28 -5.40 -4.62
N ILE B 111 10.20 -5.04 -3.73
CA ILE B 111 11.44 -5.78 -3.56
C ILE B 111 11.10 -7.18 -3.11
N ALA B 112 10.22 -7.29 -2.12
CA ALA B 112 9.73 -8.60 -1.70
C ALA B 112 9.11 -9.36 -2.87
N GLN B 113 8.31 -8.67 -3.67
CA GLN B 113 7.66 -9.33 -4.80
C GLN B 113 8.66 -9.94 -5.79
N LEU B 114 9.76 -9.23 -6.02
CA LEU B 114 10.80 -9.74 -6.91
C LEU B 114 11.43 -11.02 -6.39
N LEU B 115 11.58 -11.13 -5.08
CA LEU B 115 12.16 -12.33 -4.49
C LEU B 115 11.20 -13.51 -4.56
N TRP B 116 9.90 -13.23 -4.41
CA TRP B 116 8.88 -14.24 -4.53
C TRP B 116 8.41 -14.45 -5.97
N LEU B 117 9.00 -13.75 -6.93
CA LEU B 117 8.39 -13.64 -8.25
C LEU B 117 8.13 -14.97 -8.94
N ASP B 118 9.11 -15.87 -8.98
CA ASP B 118 8.91 -17.13 -9.68
C ASP B 118 8.23 -18.20 -8.82
N LEU B 119 8.00 -17.92 -7.55
CA LEU B 119 7.12 -18.81 -6.78
C LEU B 119 5.65 -18.37 -6.90
N PHE B 120 5.42 -17.09 -7.17
CA PHE B 120 4.06 -16.55 -7.28
C PHE B 120 3.58 -16.44 -8.70
N ASN B 121 4.51 -16.34 -9.64
CA ASN B 121 4.20 -16.29 -11.06
C ASN B 121 4.88 -17.45 -11.79
N PRO B 122 4.55 -18.69 -11.41
CA PRO B 122 5.25 -19.84 -11.97
C PRO B 122 5.35 -19.75 -13.47
N GLY B 123 6.55 -19.97 -14.00
CA GLY B 123 6.79 -19.94 -15.43
C GLY B 123 7.27 -18.60 -15.95
N VAL B 124 7.30 -17.59 -15.09
CA VAL B 124 7.76 -16.27 -15.53
C VAL B 124 9.18 -16.31 -16.10
N ASP B 125 9.39 -15.56 -17.20
CA ASP B 125 10.72 -15.23 -17.69
C ASP B 125 11.29 -14.01 -16.91
N LEU B 126 12.21 -14.28 -15.99
CA LEU B 126 12.80 -13.25 -15.12
C LEU B 126 13.58 -12.17 -15.86
N ALA B 127 14.24 -12.53 -16.95
CA ALA B 127 15.08 -11.61 -17.70
C ALA B 127 14.30 -10.45 -18.32
N ALA B 128 13.04 -10.68 -18.66
CA ALA B 128 12.19 -9.60 -19.19
C ALA B 128 11.43 -8.91 -18.06
N ALA B 129 10.87 -9.71 -17.16
CA ALA B 129 10.00 -9.22 -16.07
C ALA B 129 10.70 -8.28 -15.11
N VAL B 130 11.85 -8.71 -14.59
CA VAL B 130 12.55 -8.00 -13.53
C VAL B 130 13.05 -6.62 -13.91
N PRO B 131 13.79 -6.48 -15.03
CA PRO B 131 14.22 -5.13 -15.34
C PRO B 131 13.10 -4.11 -15.39
N LEU B 132 11.92 -4.52 -15.84
CA LEU B 132 10.79 -3.58 -15.92
C LEU B 132 10.26 -3.19 -14.54
N GLN B 133 10.02 -4.19 -13.69
CA GLN B 133 9.52 -3.97 -12.33
C GLN B 133 10.57 -3.34 -11.43
N PHE B 134 11.83 -3.72 -11.62
CA PHE B 134 12.92 -3.08 -10.91
C PHE B 134 13.09 -1.64 -11.38
N GLY B 135 12.83 -1.41 -12.66
CA GLY B 135 12.85 -0.07 -13.26
C GLY B 135 11.84 0.88 -12.65
N ARG B 136 10.60 0.41 -12.52
CA ARG B 136 9.52 1.23 -11.94
C ARG B 136 9.86 1.60 -10.49
N LEU B 137 10.42 0.63 -9.78
CA LEU B 137 10.74 0.76 -8.37
C LEU B 137 11.80 1.83 -8.15
N VAL B 138 12.82 1.84 -9.00
CA VAL B 138 13.88 2.82 -8.90
C VAL B 138 13.36 4.21 -9.24
N ALA B 139 12.53 4.31 -10.25
CA ALA B 139 11.98 5.61 -10.66
C ALA B 139 11.19 6.28 -9.54
N ARG B 140 10.42 5.48 -8.80
CA ARG B 140 9.66 6.00 -7.64
C ARG B 140 10.59 6.63 -6.60
N LEU B 141 11.66 5.94 -6.25
CA LEU B 141 12.62 6.44 -5.27
C LEU B 141 13.35 7.68 -5.72
N THR B 142 13.59 7.78 -7.02
CA THR B 142 14.23 8.94 -7.62
C THR B 142 13.31 10.16 -7.52
N ARG B 143 12.00 9.95 -7.61
CA ARG B 143 11.05 11.05 -7.39
C ARG B 143 11.09 11.55 -5.94
N LEU B 144 11.21 10.63 -5.00
CA LEU B 144 11.30 10.97 -3.58
C LEU B 144 12.60 11.67 -3.26
N GLU B 145 13.69 11.20 -3.85
CA GLU B 145 15.04 11.78 -3.68
C GLU B 145 14.99 13.31 -3.80
N ALA B 146 14.27 13.82 -4.79
CA ALA B 146 14.16 15.26 -5.02
C ALA B 146 13.46 16.05 -3.89
N HIS B 147 12.69 15.37 -3.04
CA HIS B 147 12.07 16.03 -1.87
C HIS B 147 12.64 15.57 -0.55
N THR B 148 13.78 14.87 -0.60
CA THR B 148 14.45 14.43 0.60
C THR B 148 15.37 15.54 1.09
N PRO B 149 15.34 15.84 2.40
CA PRO B 149 16.25 16.90 2.89
C PRO B 149 17.73 16.50 2.81
N GLU B 150 18.61 17.50 2.66
CA GLU B 150 20.06 17.28 2.56
C GLU B 150 20.63 17.07 3.96
N ALA B 151 20.05 17.80 4.92
CA ALA B 151 20.41 17.69 6.32
C ALA B 151 19.17 17.37 7.13
N GLY B 152 19.35 16.61 8.20
CA GLY B 152 18.28 16.26 9.10
C GLY B 152 17.32 15.24 8.50
N TRP B 153 16.10 15.27 8.98
CA TRP B 153 15.12 14.23 8.70
C TRP B 153 13.90 14.83 8.04
N PHE B 154 13.06 13.99 7.47
CA PHE B 154 11.72 14.38 7.07
C PHE B 154 10.95 14.98 8.23
N GLY B 155 11.19 14.47 9.43
CA GLY B 155 10.59 15.03 10.63
C GLY B 155 11.20 16.33 11.13
N GLY B 156 12.21 16.85 10.43
CA GLY B 156 12.89 18.07 10.86
C GLY B 156 14.09 17.78 11.74
N GLU B 157 13.99 18.12 13.02
CA GLU B 157 15.07 17.92 13.99
C GLU B 157 15.23 16.46 14.44
N ARG B 158 14.13 15.72 14.51
CA ARG B 158 14.14 14.32 14.93
C ARG B 158 13.49 13.42 13.87
N PRO B 159 13.79 12.12 13.91
CA PRO B 159 13.19 11.20 12.96
C PRO B 159 11.70 11.00 13.23
N VAL B 160 10.91 10.91 12.17
CA VAL B 160 9.54 10.42 12.27
C VAL B 160 9.42 9.15 11.41
N ALA B 162 8.27 8.52 8.53
CA ALA B 162 8.77 8.68 7.16
C ALA B 162 10.27 8.35 7.04
N ASP B 163 11.05 8.79 8.01
CA ASP B 163 12.49 8.55 8.02
C ASP B 163 12.86 7.10 8.14
N TYR B 164 12.20 6.40 9.06
CA TYR B 164 12.50 5.00 9.27
C TYR B 164 12.18 4.19 8.04
N PHE B 165 11.04 4.47 7.39
CA PHE B 165 10.65 3.75 6.17
C PHE B 165 11.54 4.06 4.98
N ALA B 166 11.90 5.33 4.84
CA ALA B 166 12.76 5.77 3.76
C ALA B 166 14.13 5.13 3.85
N ALA B 167 14.66 5.04 5.07
CA ALA B 167 15.95 4.42 5.26
C ALA B 167 15.87 2.92 4.98
N GLU B 168 14.79 2.25 5.40
CA GLU B 168 14.68 0.81 5.08
C GLU B 168 14.44 0.52 3.60
N ALA B 169 13.82 1.48 2.90
CA ALA B 169 13.62 1.37 1.45
C ALA B 169 14.97 1.35 0.72
N ILE B 170 15.90 2.17 1.18
CA ILE B 170 17.25 2.17 0.65
C ILE B 170 17.98 0.87 0.99
N GLU B 171 17.89 0.43 2.23
CA GLU B 171 18.56 -0.82 2.61
C GLU B 171 18.01 -1.98 1.80
N ALA B 172 16.70 -1.98 1.56
CA ALA B 172 16.08 -2.99 0.70
C ALA B 172 16.67 -3.01 -0.71
N LEU B 173 16.79 -1.85 -1.31
CA LEU B 173 17.36 -1.73 -2.64
C LEU B 173 18.80 -2.19 -2.63
N ARG B 174 19.57 -1.75 -1.64
CA ARG B 174 20.96 -2.13 -1.52
C ARG B 174 21.09 -3.64 -1.38
N TYR B 175 20.29 -4.20 -0.48
CA TYR B 175 20.22 -5.65 -0.26
C TYR B 175 20.06 -6.42 -1.57
N LEU B 176 19.17 -5.93 -2.43
CA LEU B 176 18.90 -6.59 -3.70
C LEU B 176 20.08 -6.53 -4.68
N LEU B 177 20.63 -5.34 -4.89
CA LEU B 177 21.72 -5.13 -5.83
C LEU B 177 23.01 -5.85 -5.43
N GLY B 178 23.43 -5.59 -4.20
CA GLY B 178 24.72 -6.04 -3.68
C GLY B 178 25.63 -4.84 -3.56
N ARG B 179 26.77 -5.07 -2.91
CA ARG B 179 27.78 -4.02 -2.69
C ARG B 179 28.39 -3.47 -3.98
N GLU B 180 28.61 -4.33 -4.98
CA GLU B 180 29.29 -3.90 -6.21
C GLU B 180 28.76 -2.54 -6.63
N HIS B 181 27.43 -2.43 -6.67
CA HIS B 181 26.76 -1.26 -7.24
C HIS B 181 26.44 -0.10 -6.26
N ASP B 182 27.10 -0.06 -5.10
CA ASP B 182 26.99 1.06 -4.17
C ASP B 182 27.34 2.41 -4.81
N ASP B 183 28.44 2.46 -5.55
CA ASP B 183 28.88 3.72 -6.15
C ASP B 183 27.72 4.37 -6.91
N ALA B 184 27.07 3.61 -7.78
CA ALA B 184 25.99 4.14 -8.63
C ALA B 184 24.73 4.62 -7.87
N LEU B 185 24.46 4.02 -6.71
CA LEU B 185 23.33 4.41 -5.88
C LEU B 185 23.48 5.81 -5.34
N ARG B 186 24.64 6.09 -4.73
CA ARG B 186 24.93 7.42 -4.21
C ARG B 186 24.78 8.45 -5.30
N THR B 187 25.21 8.08 -6.51
CA THR B 187 25.14 8.96 -7.66
C THR B 187 23.71 9.30 -8.03
N ARG B 188 22.83 8.30 -7.96
CA ARG B 188 21.42 8.46 -8.30
C ARG B 188 20.59 9.03 -7.14
N LEU B 189 20.95 8.67 -5.91
CA LEU B 189 20.12 9.01 -4.76
C LEU B 189 20.93 9.49 -3.57
N PRO B 190 21.59 10.66 -3.70
CA PRO B 190 22.53 11.04 -2.65
C PRO B 190 21.88 11.27 -1.30
N HIS B 191 20.82 12.07 -1.25
CA HIS B 191 20.24 12.49 0.02
C HIS B 191 19.56 11.35 0.76
N LEU B 192 18.91 10.44 0.04
CA LEU B 192 18.38 9.24 0.68
C LEU B 192 19.51 8.35 1.16
N CYS B 193 20.57 8.23 0.36
CA CYS B 193 21.72 7.44 0.81
C CYS B 193 22.33 8.03 2.08
N ALA B 194 22.44 9.36 2.15
CA ALA B 194 22.95 10.04 3.34
C ALA B 194 22.01 9.86 4.52
N LEU B 195 20.71 9.96 4.26
CA LEU B 195 19.72 9.78 5.31
C LEU B 195 19.81 8.37 5.88
N ALA B 196 19.89 7.38 5.01
CA ALA B 196 19.97 5.99 5.47
C ALA B 196 21.24 5.77 6.28
N ARG B 197 22.34 6.37 5.84
CA ARG B 197 23.63 6.28 6.53
C ARG B 197 23.53 6.86 7.94
N ARG B 198 22.93 8.05 8.03
CA ARG B 198 22.72 8.72 9.30
C ARG B 198 21.89 7.84 10.26
N ALA B 200 21.54 4.57 10.31
CA ALA B 200 22.38 3.47 10.77
C ALA B 200 23.31 3.81 11.94
N GLN B 201 23.73 5.06 12.05
CA GLN B 201 24.62 5.48 13.13
C GLN B 201 23.90 6.10 14.33
N ARG B 202 22.56 6.02 14.41
CA ARG B 202 21.88 6.55 15.59
C ARG B 202 22.15 5.60 16.74
N PRO B 203 22.78 6.11 17.81
CA PRO B 203 23.14 5.28 18.96
C PRO B 203 21.99 4.44 19.49
N ALA B 204 20.80 5.00 19.49
CA ALA B 204 19.61 4.34 20.03
C ALA B 204 19.24 3.09 19.23
N LEU B 205 19.70 3.00 17.99
CA LEU B 205 19.46 1.84 17.14
C LEU B 205 20.54 0.77 17.15
N ALA B 206 21.59 0.92 17.94
CA ALA B 206 22.70 -0.02 17.88
C ALA B 206 22.29 -1.47 18.13
N GLN B 207 21.40 -1.70 19.10
CA GLN B 207 20.95 -3.05 19.43
C GLN B 207 20.13 -3.67 18.29
N ALA B 208 19.27 -2.86 17.68
CA ALA B 208 18.53 -3.27 16.49
C ALA B 208 19.45 -3.73 15.35
N TRP B 209 20.55 -3.00 15.11
CA TRP B 209 21.49 -3.37 14.04
C TRP B 209 22.28 -4.61 14.41
N SER B 210 22.49 -4.78 15.70
CA SER B 210 23.09 -5.99 16.24
C SER B 210 22.24 -7.24 16.02
N THR B 211 20.93 -7.13 16.20
CA THR B 211 19.99 -8.24 15.96
C THR B 211 19.32 -8.17 14.58
N ARG B 212 19.88 -7.40 13.64
CA ARG B 212 19.23 -7.22 12.35
C ARG B 212 19.12 -8.54 11.62
N PRO B 213 17.90 -8.90 11.18
CA PRO B 213 17.76 -10.17 10.42
C PRO B 213 18.59 -10.17 9.14
N GLN B 214 19.03 -11.34 8.74
CA GLN B 214 19.92 -11.48 7.60
C GLN B 214 19.22 -11.64 6.25
N THR B 215 17.90 -11.91 6.27
CA THR B 215 17.14 -12.07 5.03
C THR B 215 15.96 -11.12 4.94
N PHE B 216 15.63 -10.69 3.72
CA PHE B 216 14.52 -9.77 3.51
C PHE B 216 13.15 -10.45 3.64
N THR B 217 12.99 -11.62 3.03
CA THR B 217 11.72 -12.34 3.06
C THR B 217 11.86 -13.67 3.73
N ALA B 218 10.73 -14.34 3.97
CA ALA B 218 10.68 -15.72 4.47
C ALA B 218 10.71 -16.74 3.33
N HIS B 219 11.46 -16.44 2.26
CA HIS B 219 11.58 -17.34 1.10
C HIS B 219 12.19 -18.67 1.57
N PRO B 220 11.76 -19.79 0.97
CA PRO B 220 12.37 -21.11 1.25
C PRO B 220 13.90 -21.14 1.12
N ASP B 221 14.42 -20.61 0.01
CA ASP B 221 15.86 -20.42 -0.14
C ASP B 221 16.16 -19.10 -0.84
N GLU B 222 16.18 -18.03 -0.05
CA GLU B 222 16.39 -16.68 -0.57
C GLU B 222 17.79 -16.50 -1.15
N ALA B 223 18.79 -17.05 -0.47
CA ALA B 223 20.18 -16.98 -0.93
C ALA B 223 20.31 -17.37 -2.41
N ALA B 224 19.75 -18.54 -2.73
CA ALA B 224 19.70 -19.07 -4.10
C ALA B 224 18.96 -18.15 -5.06
N LEU B 226 18.50 -14.79 -4.70
CA LEU B 226 19.38 -13.62 -4.89
C LEU B 226 20.44 -13.83 -5.97
N GLU B 227 21.15 -14.95 -5.89
CA GLU B 227 22.14 -15.31 -6.91
C GLU B 227 21.56 -15.19 -8.32
N ARG B 228 20.35 -15.72 -8.50
CA ARG B 228 19.69 -15.71 -9.81
C ARG B 228 19.40 -14.28 -10.26
N LEU B 229 18.89 -13.47 -9.33
CA LEU B 229 18.50 -12.09 -9.63
C LEU B 229 19.67 -11.17 -9.96
N ARG B 230 20.76 -11.30 -9.21
CA ARG B 230 21.96 -10.49 -9.46
C ARG B 230 22.64 -10.79 -10.80
N ALA B 231 22.47 -12.03 -11.31
CA ALA B 231 22.97 -12.39 -12.64
C ALA B 231 22.31 -11.63 -13.79
N LEU B 232 21.23 -10.91 -13.51
CA LEU B 232 20.56 -10.10 -14.54
C LEU B 232 21.24 -8.74 -14.58
N PRO B 233 20.97 -7.93 -15.62
CA PRO B 233 21.73 -6.68 -15.77
C PRO B 233 21.17 -5.55 -14.92
N LEU B 234 21.19 -5.69 -13.60
CA LEU B 234 20.40 -4.82 -12.70
C LEU B 234 20.91 -3.39 -12.59
N ALA B 235 22.22 -3.23 -12.60
CA ALA B 235 22.84 -1.90 -12.56
C ALA B 235 22.52 -1.05 -13.79
N ALA B 236 22.15 -1.69 -14.90
CA ALA B 236 21.68 -0.97 -16.09
C ALA B 236 20.50 -0.03 -15.76
N THR B 237 19.60 -0.50 -14.91
CA THR B 237 18.44 0.28 -14.45
C THR B 237 18.81 1.61 -13.79
N ILE B 238 20.07 1.73 -13.37
CA ILE B 238 20.63 3.00 -12.88
C ILE B 238 21.64 3.55 -13.89
#